data_7WP0
#
_entry.id   7WP0
#
_cell.length_a   1.00
_cell.length_b   1.00
_cell.length_c   1.00
_cell.angle_alpha   90.00
_cell.angle_beta   90.00
_cell.angle_gamma   90.00
#
_symmetry.space_group_name_H-M   'P 1'
#
loop_
_entity.id
_entity.type
_entity.pdbx_description
1 polymer 'IG c335_light_IGLV1-40_IGLJ3'
2 polymer 'VacW-209 heavy chain'
3 polymer 'Spike protein S1'
4 non-polymer 2-acetamido-2-deoxy-beta-D-glucopyranose
#
loop_
_entity_poly.entity_id
_entity_poly.type
_entity_poly.pdbx_seq_one_letter_code
_entity_poly.pdbx_strand_id
1 'polypeptide(L)'
;QSVLTQPPSVSGAPGQRVTISCTGSSSNIGAGYDVHWYQQLPGTAPKLLIYGNSNRPSGVPDRFSGSKSGTSASLAITGL
QAEDEADYYCQSYDSSLSGWVFGGGTKLTVL
;
L
2 'polypeptide(L)'
;QVQLVESGGGVVQPGRSLRLSCAASGFTFSSIAMHWVRQAPGKGLEWVAVMSFDGSIKYYGDSVKGRFTISRDNSKSTLY
LQMNSLRAEDTAVYYCARGVQGYYDRSGYYNLDYNYGMDVWGQGTTVTVSS
;
H
3 'polypeptide(L)'
;TNLCPFGEVFNATRFASVYAWNRKRISNCVADYSVLYNSASFSTFKCYGVSPTKLNDLCFTNVYADSFVIRGDEVRQIAP
GQTGKIADYNYKLPDDFTGCVIAWNSNNLDSKVGGNYNYRYRLFRKSNLKPFERDISTEIYQAGSKPCNGVEGFNCYFPL
QSYGFQPTNGVGYQPYRVVVLSFELLHAP
;
F
#
loop_
_chem_comp.id
_chem_comp.type
_chem_comp.name
_chem_comp.formula
NAG D-saccharide, beta linking 2-acetamido-2-deoxy-beta-D-glucopyranose 'C8 H15 N O6'
#
# COMPACT_ATOMS: atom_id res chain seq x y z
N GLN A 1 12.06 9.05 -20.89
CA GLN A 1 10.62 8.91 -20.97
C GLN A 1 10.01 8.83 -19.57
N SER A 2 10.37 7.78 -18.85
CA SER A 2 9.86 7.58 -17.49
C SER A 2 10.71 8.36 -16.49
N VAL A 3 10.43 8.14 -15.21
CA VAL A 3 11.21 8.77 -14.14
C VAL A 3 12.20 7.81 -13.52
N LEU A 4 11.78 6.57 -13.31
CA LEU A 4 12.63 5.52 -12.76
C LEU A 4 13.29 4.76 -13.90
N THR A 5 14.60 4.58 -13.80
CA THR A 5 15.38 3.92 -14.84
C THR A 5 15.71 2.51 -14.38
N GLN A 6 15.05 1.52 -14.96
CA GLN A 6 15.34 0.12 -14.75
C GLN A 6 15.80 -0.46 -16.08
N PRO A 7 16.57 -1.55 -16.06
CA PRO A 7 17.07 -2.14 -17.32
C PRO A 7 15.96 -2.66 -18.20
N PRO A 8 16.10 -2.53 -19.52
CA PRO A 8 14.95 -2.79 -20.39
C PRO A 8 14.68 -4.26 -20.65
N SER A 9 15.69 -5.13 -20.56
CA SER A 9 15.49 -6.54 -20.87
C SER A 9 16.53 -7.37 -20.14
N VAL A 10 16.10 -8.14 -19.15
CA VAL A 10 16.96 -9.08 -18.44
C VAL A 10 16.27 -10.44 -18.46
N SER A 11 17.06 -11.51 -18.49
CA SER A 11 16.53 -12.86 -18.56
C SER A 11 17.59 -13.82 -18.04
N GLY A 12 17.15 -15.05 -17.78
CA GLY A 12 18.08 -16.04 -17.25
C GLY A 12 17.57 -17.45 -17.48
N ALA A 13 18.46 -18.41 -17.24
CA ALA A 13 18.17 -19.83 -17.32
C ALA A 13 17.21 -20.22 -16.20
N PRO A 14 16.38 -21.24 -16.40
CA PRO A 14 15.48 -21.69 -15.34
C PRO A 14 16.23 -22.27 -14.16
N GLY A 15 15.56 -22.25 -13.00
CA GLY A 15 16.18 -22.74 -11.78
C GLY A 15 17.23 -21.83 -11.19
N GLN A 16 17.27 -20.57 -11.58
CA GLN A 16 18.25 -19.63 -11.07
C GLN A 16 17.54 -18.50 -10.32
N ARG A 17 18.31 -17.48 -9.95
CA ARG A 17 17.83 -16.35 -9.16
C ARG A 17 18.08 -15.07 -9.94
N VAL A 18 17.03 -14.50 -10.50
CA VAL A 18 17.10 -13.31 -11.34
C VAL A 18 16.64 -12.11 -10.55
N THR A 19 17.45 -11.04 -10.56
CA THR A 19 17.14 -9.81 -9.86
C THR A 19 16.89 -8.70 -10.88
N ILE A 20 15.71 -8.09 -10.80
CA ILE A 20 15.32 -7.01 -11.70
C ILE A 20 15.60 -5.71 -10.96
N SER A 21 16.72 -5.07 -11.27
CA SER A 21 17.08 -3.86 -10.55
C SER A 21 16.20 -2.69 -11.00
N CYS A 22 16.05 -1.70 -10.11
CA CYS A 22 15.27 -0.49 -10.40
C CYS A 22 15.81 0.64 -9.53
N THR A 23 16.65 1.48 -10.11
CA THR A 23 17.20 2.63 -9.40
C THR A 23 16.41 3.88 -9.74
N GLY A 24 16.47 4.85 -8.84
CA GLY A 24 15.63 6.02 -8.97
C GLY A 24 16.34 7.33 -8.69
N SER A 25 15.60 8.30 -8.17
CA SER A 25 16.11 9.64 -7.97
C SER A 25 16.31 9.91 -6.47
N SER A 26 16.75 11.13 -6.17
CA SER A 26 16.85 11.62 -4.81
C SER A 26 15.61 12.40 -4.39
N SER A 27 14.56 12.38 -5.21
CA SER A 27 13.34 13.09 -4.90
C SER A 27 12.16 12.18 -4.64
N ASN A 28 12.22 10.92 -5.04
CA ASN A 28 11.13 9.97 -4.80
C ASN A 28 11.54 8.81 -3.91
N ILE A 29 12.55 8.04 -4.28
CA ILE A 29 13.00 6.93 -3.44
C ILE A 29 13.80 7.46 -2.26
N GLY A 30 14.77 8.33 -2.55
CA GLY A 30 15.56 8.98 -1.51
C GLY A 30 14.77 9.93 -0.63
N ALA A 31 13.57 10.32 -1.05
CA ALA A 31 12.68 11.02 -0.13
C ALA A 31 12.16 10.08 0.94
N GLY A 32 11.81 8.85 0.57
CA GLY A 32 11.39 7.89 1.56
C GLY A 32 10.19 7.05 1.17
N TYR A 33 9.52 7.42 0.08
CA TYR A 33 8.34 6.68 -0.35
C TYR A 33 8.73 5.31 -0.87
N ASP A 34 7.81 4.35 -0.79
CA ASP A 34 8.15 2.95 -0.92
C ASP A 34 7.90 2.44 -2.32
N VAL A 35 8.88 1.71 -2.85
CA VAL A 35 8.80 1.16 -4.20
C VAL A 35 7.94 -0.09 -4.17
N HIS A 36 6.86 -0.09 -4.93
CA HIS A 36 6.03 -1.27 -5.07
C HIS A 36 6.48 -2.05 -6.30
N TRP A 37 5.83 -3.18 -6.61
CA TRP A 37 6.25 -4.01 -7.74
C TRP A 37 5.03 -4.66 -8.36
N TYR A 38 4.95 -4.62 -9.69
CA TYR A 38 3.77 -5.11 -10.40
C TYR A 38 4.17 -6.20 -11.38
N GLN A 39 3.20 -7.01 -11.78
CA GLN A 39 3.44 -8.11 -12.71
C GLN A 39 2.43 -8.04 -13.83
N GLN A 40 2.89 -7.77 -15.04
CA GLN A 40 2.02 -7.63 -16.20
C GLN A 40 2.29 -8.79 -17.15
N LEU A 41 1.40 -9.78 -17.14
CA LEU A 41 1.44 -10.83 -18.14
C LEU A 41 1.10 -10.22 -19.51
N PRO A 42 1.64 -10.80 -20.60
CA PRO A 42 1.35 -10.26 -21.94
C PRO A 42 -0.12 -10.43 -22.34
N GLY A 43 -0.82 -9.31 -22.46
CA GLY A 43 -2.21 -9.29 -22.82
C GLY A 43 -3.17 -9.08 -21.66
N THR A 44 -2.68 -8.93 -20.44
CA THR A 44 -3.52 -8.78 -19.27
C THR A 44 -3.32 -7.41 -18.64
N ALA A 45 -4.08 -7.17 -17.58
CA ALA A 45 -3.90 -5.99 -16.73
C ALA A 45 -2.99 -6.36 -15.57
N PRO A 46 -2.07 -5.47 -15.19
CA PRO A 46 -1.10 -5.82 -14.14
C PRO A 46 -1.78 -5.98 -12.78
N LYS A 47 -1.21 -6.86 -11.96
CA LYS A 47 -1.65 -7.07 -10.60
C LYS A 47 -0.53 -6.72 -9.65
N LEU A 48 -0.89 -6.41 -8.41
CA LEU A 48 0.11 -6.06 -7.41
C LEU A 48 0.88 -7.29 -6.98
N LEU A 49 2.19 -7.17 -6.90
CA LEU A 49 3.04 -8.30 -6.58
C LEU A 49 3.80 -8.13 -5.28
N ILE A 50 4.36 -6.96 -5.03
CA ILE A 50 5.07 -6.64 -3.79
C ILE A 50 4.81 -5.17 -3.48
N TYR A 51 4.36 -4.86 -2.27
CA TYR A 51 4.21 -3.47 -1.86
C TYR A 51 5.09 -3.21 -0.66
N GLY A 52 5.30 -1.93 -0.37
CA GLY A 52 6.06 -1.51 0.80
C GLY A 52 7.52 -1.94 0.81
N ASN A 53 8.08 -2.27 -0.35
CA ASN A 53 9.43 -2.68 -0.71
C ASN A 53 9.73 -4.11 -0.32
N SER A 54 8.96 -4.74 0.55
CA SER A 54 9.27 -6.12 0.92
C SER A 54 8.05 -6.99 1.18
N ASN A 55 6.86 -6.44 1.35
CA ASN A 55 5.71 -7.24 1.71
C ASN A 55 5.23 -8.03 0.51
N ARG A 56 4.30 -8.93 0.75
CA ARG A 56 3.72 -9.66 -0.37
C ARG A 56 2.27 -10.01 -0.07
N PRO A 57 1.36 -9.75 -0.99
CA PRO A 57 -0.04 -10.11 -0.76
C PRO A 57 -0.25 -11.62 -0.80
N SER A 58 -1.43 -12.05 -0.36
CA SER A 58 -1.74 -13.47 -0.43
C SER A 58 -2.08 -13.84 -1.86
N GLY A 59 -1.39 -14.85 -2.38
CA GLY A 59 -1.57 -15.26 -3.75
C GLY A 59 -0.25 -15.36 -4.47
N VAL A 60 0.67 -14.43 -4.17
CA VAL A 60 2.00 -14.53 -4.76
C VAL A 60 2.80 -15.47 -3.86
N PRO A 61 3.73 -16.23 -4.42
CA PRO A 61 4.52 -17.14 -3.59
C PRO A 61 5.61 -16.40 -2.84
N ASP A 62 6.40 -17.17 -2.11
CA ASP A 62 7.53 -16.59 -1.39
C ASP A 62 8.80 -16.50 -2.28
N ARG A 63 8.63 -16.71 -3.58
CA ARG A 63 9.75 -16.59 -4.50
C ARG A 63 10.10 -15.13 -4.75
N PHE A 64 9.09 -14.31 -5.06
CA PHE A 64 9.31 -12.89 -5.33
C PHE A 64 9.54 -12.15 -4.03
N SER A 65 10.77 -11.69 -3.81
CA SER A 65 11.10 -10.86 -2.66
C SER A 65 11.59 -9.51 -3.13
N GLY A 66 11.74 -8.58 -2.20
CA GLY A 66 12.18 -7.26 -2.56
C GLY A 66 13.30 -6.73 -1.69
N SER A 67 13.68 -5.47 -1.92
CA SER A 67 14.70 -4.78 -1.15
C SER A 67 14.61 -3.29 -1.46
N LYS A 68 15.11 -2.49 -0.52
CA LYS A 68 15.29 -1.05 -0.76
C LYS A 68 16.33 -0.54 0.21
N SER A 69 17.40 0.06 -0.30
CA SER A 69 18.42 0.68 0.54
C SER A 69 19.01 1.85 -0.22
N GLY A 70 18.76 3.06 0.27
CA GLY A 70 19.28 4.25 -0.37
C GLY A 70 18.37 4.76 -1.46
N THR A 71 18.89 4.82 -2.68
CA THR A 71 18.11 5.23 -3.85
C THR A 71 18.02 4.10 -4.87
N SER A 72 17.89 2.86 -4.40
CA SER A 72 17.88 1.69 -5.27
C SER A 72 16.97 0.64 -4.67
N ALA A 73 16.13 0.04 -5.50
CA ALA A 73 15.30 -1.10 -5.12
C ALA A 73 15.45 -2.19 -6.16
N SER A 74 15.04 -3.41 -5.80
CA SER A 74 15.26 -4.55 -6.67
C SER A 74 14.31 -5.67 -6.30
N LEU A 75 13.64 -6.24 -7.29
CA LEU A 75 12.91 -7.48 -7.11
C LEU A 75 13.93 -8.61 -7.13
N ALA A 76 13.53 -9.78 -6.63
CA ALA A 76 14.40 -10.95 -6.69
C ALA A 76 13.53 -12.20 -6.82
N ILE A 77 13.47 -12.77 -8.00
CA ILE A 77 12.83 -14.06 -8.22
C ILE A 77 13.82 -15.15 -7.83
N THR A 78 13.34 -16.19 -7.15
CA THR A 78 14.19 -17.31 -6.73
C THR A 78 13.60 -18.61 -7.25
N GLY A 79 14.35 -19.30 -8.11
CA GLY A 79 13.91 -20.57 -8.66
C GLY A 79 12.72 -20.44 -9.57
N LEU A 80 12.93 -19.77 -10.71
CA LEU A 80 11.80 -19.35 -11.54
C LEU A 80 11.25 -20.50 -12.35
N GLN A 81 9.93 -20.54 -12.47
CA GLN A 81 9.23 -21.53 -13.26
C GLN A 81 8.98 -20.97 -14.67
N ALA A 82 8.33 -21.78 -15.50
CA ALA A 82 8.03 -21.35 -16.85
C ALA A 82 6.83 -20.43 -16.91
N GLU A 83 6.02 -20.40 -15.85
CA GLU A 83 4.83 -19.56 -15.82
C GLU A 83 5.12 -18.13 -15.35
N ASP A 84 6.38 -17.71 -15.36
CA ASP A 84 6.77 -16.34 -15.07
C ASP A 84 7.51 -15.81 -16.28
N GLU A 85 6.76 -15.29 -17.25
CA GLU A 85 7.36 -14.67 -18.42
C GLU A 85 6.87 -13.23 -18.59
N ALA A 86 6.36 -12.63 -17.53
CA ALA A 86 5.58 -11.41 -17.61
C ALA A 86 6.48 -10.17 -17.68
N ASP A 87 5.87 -9.00 -17.58
CA ASP A 87 6.57 -7.73 -17.49
C ASP A 87 6.42 -7.17 -16.08
N TYR A 88 7.46 -6.49 -15.61
CA TYR A 88 7.54 -6.10 -14.20
C TYR A 88 7.88 -4.62 -14.09
N TYR A 89 7.03 -3.89 -13.35
CA TYR A 89 7.11 -2.43 -13.25
C TYR A 89 7.29 -2.02 -11.80
N CYS A 90 8.32 -1.21 -11.54
CA CYS A 90 8.53 -0.68 -10.19
C CYS A 90 7.85 0.67 -10.07
N GLN A 91 6.96 0.80 -9.09
CA GLN A 91 6.21 2.03 -8.88
C GLN A 91 6.59 2.66 -7.55
N SER A 92 6.88 3.96 -7.58
CA SER A 92 7.12 4.74 -6.39
C SER A 92 6.18 5.93 -6.42
N TYR A 93 6.41 6.91 -5.56
CA TYR A 93 5.66 8.15 -5.62
C TYR A 93 6.63 9.32 -5.57
N ASP A 94 6.53 10.21 -6.54
CA ASP A 94 7.41 11.37 -6.57
C ASP A 94 6.84 12.48 -5.71
N SER A 95 7.74 13.23 -5.06
CA SER A 95 7.33 14.39 -4.27
C SER A 95 7.47 15.69 -5.02
N SER A 96 8.30 15.73 -6.08
CA SER A 96 8.49 16.95 -6.83
C SER A 96 7.30 17.23 -7.75
N LEU A 97 6.92 16.24 -8.55
CA LEU A 97 5.76 16.37 -9.42
C LEU A 97 4.45 16.03 -8.71
N SER A 98 4.53 15.55 -7.46
CA SER A 98 3.38 15.12 -6.65
C SER A 98 2.57 14.03 -7.33
N GLY A 99 3.25 13.08 -7.97
CA GLY A 99 2.57 12.05 -8.73
C GLY A 99 3.26 10.71 -8.60
N TRP A 100 2.48 9.64 -8.78
CA TRP A 100 3.01 8.29 -8.74
C TRP A 100 3.76 8.01 -10.04
N VAL A 101 5.03 7.68 -9.94
CA VAL A 101 5.82 7.42 -11.15
C VAL A 101 6.10 5.94 -11.26
N PHE A 102 6.27 5.48 -12.49
CA PHE A 102 6.43 4.07 -12.80
C PHE A 102 7.86 3.81 -13.25
N GLY A 103 8.10 2.58 -13.70
CA GLY A 103 9.37 2.26 -14.30
C GLY A 103 9.19 1.97 -15.77
N GLY A 104 10.29 1.79 -16.51
CA GLY A 104 10.21 1.50 -17.92
C GLY A 104 9.64 0.13 -18.24
N GLY A 105 9.66 -0.78 -17.28
CA GLY A 105 9.16 -2.13 -17.52
C GLY A 105 10.26 -3.02 -18.06
N THR A 106 10.55 -4.12 -17.38
CA THR A 106 11.63 -5.01 -17.80
C THR A 106 11.07 -6.32 -18.32
N LYS A 107 11.42 -6.65 -19.55
CA LYS A 107 10.96 -7.86 -20.21
C LYS A 107 11.74 -9.03 -19.64
N LEU A 108 11.07 -9.87 -18.86
CA LEU A 108 11.66 -11.08 -18.31
C LEU A 108 11.08 -12.30 -19.01
N THR A 109 11.96 -13.19 -19.46
CA THR A 109 11.51 -14.44 -20.04
C THR A 109 12.46 -15.55 -19.63
N VAL A 110 11.96 -16.78 -19.66
CA VAL A 110 12.76 -17.93 -19.32
C VAL A 110 13.78 -18.19 -20.42
N LEU A 111 14.78 -19.00 -20.10
CA LEU A 111 15.74 -19.44 -21.12
C LEU A 111 15.83 -20.97 -21.12
N GLN B 1 -15.66 -11.75 -5.11
CA GLN B 1 -16.65 -11.10 -5.94
C GLN B 1 -16.18 -9.75 -6.44
N VAL B 2 -15.04 -9.30 -5.89
CA VAL B 2 -14.52 -7.97 -6.19
C VAL B 2 -14.01 -7.92 -7.64
N GLN B 3 -14.54 -6.95 -8.40
CA GLN B 3 -14.15 -6.77 -9.78
C GLN B 3 -14.52 -5.35 -10.20
N LEU B 4 -13.72 -4.81 -11.11
CA LEU B 4 -13.99 -3.51 -11.72
C LEU B 4 -14.48 -3.73 -13.14
N VAL B 5 -15.59 -3.09 -13.49
CA VAL B 5 -16.16 -3.15 -14.83
C VAL B 5 -15.91 -1.81 -15.52
N GLU B 6 -15.41 -1.85 -16.74
CA GLU B 6 -15.13 -0.65 -17.49
C GLU B 6 -15.87 -0.64 -18.82
N SER B 7 -16.26 0.55 -19.26
CA SER B 7 -16.95 0.78 -20.52
C SER B 7 -16.82 2.25 -20.89
N GLY B 8 -16.70 2.52 -22.18
CA GLY B 8 -16.67 3.89 -22.66
C GLY B 8 -15.67 4.17 -23.77
N GLY B 9 -14.95 3.15 -24.19
CA GLY B 9 -13.89 3.32 -25.17
C GLY B 9 -14.28 2.86 -26.56
N GLY B 10 -13.63 3.47 -27.55
CA GLY B 10 -13.89 3.17 -28.95
C GLY B 10 -13.06 4.07 -29.84
N VAL B 11 -13.58 4.43 -31.02
CA VAL B 11 -12.88 5.32 -31.93
C VAL B 11 -13.44 6.73 -31.75
N VAL B 12 -12.55 7.73 -31.84
CA VAL B 12 -12.88 9.10 -31.50
C VAL B 12 -12.22 10.01 -32.53
N GLN B 13 -13.01 10.89 -33.14
CA GLN B 13 -12.43 11.92 -33.99
C GLN B 13 -11.64 12.88 -33.12
N PRO B 14 -10.42 13.28 -33.52
CA PRO B 14 -9.58 14.09 -32.64
C PRO B 14 -10.07 15.52 -32.47
N GLY B 15 -10.62 15.82 -31.31
CA GLY B 15 -11.14 17.15 -31.05
C GLY B 15 -12.55 17.11 -30.49
N ARG B 16 -13.41 16.24 -31.02
CA ARG B 16 -14.66 15.96 -30.33
C ARG B 16 -14.39 14.89 -29.27
N SER B 17 -15.26 14.81 -28.27
CA SER B 17 -14.86 14.30 -26.97
C SER B 17 -15.35 12.87 -26.73
N LEU B 18 -14.95 12.35 -25.57
CA LEU B 18 -15.30 11.04 -25.06
C LEU B 18 -15.21 11.11 -23.54
N ARG B 19 -16.01 10.28 -22.88
CA ARG B 19 -16.06 10.26 -21.43
C ARG B 19 -16.03 8.81 -20.97
N LEU B 20 -15.02 8.46 -20.19
CA LEU B 20 -14.79 7.08 -19.78
C LEU B 20 -15.50 6.79 -18.46
N SER B 21 -15.86 5.53 -18.27
CA SER B 21 -16.51 5.07 -17.05
C SER B 21 -15.73 3.91 -16.44
N CYS B 22 -16.02 3.64 -15.17
CA CYS B 22 -15.41 2.52 -14.46
C CYS B 22 -16.33 2.14 -13.32
N ALA B 23 -17.01 1.00 -13.44
CA ALA B 23 -17.87 0.54 -12.39
C ALA B 23 -17.05 -0.18 -11.30
N ALA B 24 -17.69 -0.43 -10.17
CA ALA B 24 -17.04 -1.09 -9.05
C ALA B 24 -18.09 -1.75 -8.16
N SER B 25 -17.88 -3.02 -7.85
CA SER B 25 -18.78 -3.74 -6.97
C SER B 25 -18.02 -4.85 -6.27
N GLY B 26 -18.40 -5.12 -5.03
CA GLY B 26 -17.73 -6.11 -4.21
C GLY B 26 -16.94 -5.53 -3.06
N PHE B 27 -16.88 -4.21 -2.93
CA PHE B 27 -16.23 -3.56 -1.80
C PHE B 27 -16.97 -2.25 -1.53
N THR B 28 -16.42 -1.43 -0.63
CA THR B 28 -16.97 -0.11 -0.39
C THR B 28 -16.29 0.89 -1.32
N PHE B 29 -17.08 1.52 -2.18
CA PHE B 29 -16.51 2.46 -3.14
C PHE B 29 -16.29 3.82 -2.51
N SER B 30 -17.15 4.23 -1.57
CA SER B 30 -17.11 5.56 -1.01
C SER B 30 -16.19 5.69 0.18
N SER B 31 -15.16 4.85 0.27
CA SER B 31 -14.19 4.92 1.34
C SER B 31 -12.77 4.95 0.80
N ILE B 32 -12.57 4.34 -0.37
CA ILE B 32 -11.26 4.13 -0.96
C ILE B 32 -11.06 5.14 -2.07
N ALA B 33 -9.84 5.67 -2.19
CA ALA B 33 -9.48 6.52 -3.31
C ALA B 33 -9.44 5.70 -4.60
N MET B 34 -9.35 6.38 -5.74
CA MET B 34 -9.28 5.70 -7.01
C MET B 34 -8.28 6.41 -7.90
N HIS B 35 -7.55 5.63 -8.69
CA HIS B 35 -6.53 6.13 -9.60
C HIS B 35 -6.93 5.80 -11.03
N TRP B 36 -6.50 6.63 -11.97
CA TRP B 36 -6.59 6.32 -13.40
C TRP B 36 -5.18 6.24 -13.95
N VAL B 37 -4.89 5.17 -14.70
CA VAL B 37 -3.59 4.97 -15.33
C VAL B 37 -3.78 4.43 -16.73
N ARG B 38 -2.82 4.70 -17.61
CA ARG B 38 -2.95 4.38 -19.01
C ARG B 38 -1.66 3.77 -19.54
N GLN B 39 -1.74 3.21 -20.75
CA GLN B 39 -0.60 2.59 -21.40
C GLN B 39 -0.72 2.73 -22.91
N ALA B 40 0.19 3.47 -23.52
CA ALA B 40 0.31 3.44 -24.97
C ALA B 40 0.80 2.05 -25.38
N PRO B 41 0.27 1.48 -26.48
CA PRO B 41 0.50 0.05 -26.77
C PRO B 41 1.94 -0.28 -27.14
N GLY B 42 2.62 -1.00 -26.25
CA GLY B 42 4.02 -1.33 -26.45
C GLY B 42 4.92 -0.67 -25.43
N LYS B 43 4.62 0.58 -25.09
CA LYS B 43 5.45 1.33 -24.15
C LYS B 43 5.05 1.02 -22.71
N GLY B 44 5.56 1.81 -21.76
CA GLY B 44 5.32 1.55 -20.36
C GLY B 44 4.10 2.26 -19.81
N LEU B 45 3.72 1.87 -18.60
CA LEU B 45 2.56 2.43 -17.94
C LEU B 45 2.83 3.87 -17.52
N GLU B 46 1.75 4.60 -17.25
CA GLU B 46 1.84 6.02 -16.91
C GLU B 46 0.67 6.37 -16.01
N TRP B 47 0.87 7.37 -15.15
CA TRP B 47 -0.17 7.80 -14.21
C TRP B 47 -0.92 9.01 -14.76
N VAL B 48 -2.25 8.99 -14.57
CA VAL B 48 -3.11 9.98 -15.22
C VAL B 48 -3.84 10.85 -14.19
N ALA B 49 -4.66 10.24 -13.34
CA ALA B 49 -5.54 11.04 -12.49
C ALA B 49 -5.93 10.30 -11.23
N VAL B 50 -6.12 11.05 -10.15
CA VAL B 50 -6.57 10.53 -8.87
C VAL B 50 -7.76 11.37 -8.39
N MET B 51 -8.65 10.75 -7.64
CA MET B 51 -9.70 11.43 -6.90
C MET B 51 -9.72 10.88 -5.48
N SER B 52 -9.93 11.76 -4.51
CA SER B 52 -9.77 11.40 -3.11
C SER B 52 -10.95 10.61 -2.58
N PHE B 53 -11.02 10.50 -1.25
CA PHE B 53 -12.06 9.76 -0.56
C PHE B 53 -13.44 10.32 -0.83
N ASP B 54 -13.58 11.64 -0.83
CA ASP B 54 -14.86 12.29 -1.08
C ASP B 54 -14.94 13.00 -2.41
N GLY B 55 -13.84 13.57 -2.87
CA GLY B 55 -13.84 14.36 -4.09
C GLY B 55 -13.21 15.72 -3.87
N SER B 56 -12.49 15.86 -2.77
CA SER B 56 -11.93 17.16 -2.40
C SER B 56 -10.51 17.36 -2.91
N ILE B 57 -9.73 16.29 -3.00
CA ILE B 57 -8.31 16.36 -3.31
C ILE B 57 -8.08 15.69 -4.65
N LYS B 58 -7.52 16.43 -5.60
CA LYS B 58 -7.23 15.92 -6.93
C LYS B 58 -5.77 16.21 -7.29
N TYR B 59 -5.14 15.27 -7.97
CA TYR B 59 -3.81 15.45 -8.53
C TYR B 59 -3.82 14.96 -9.97
N TYR B 60 -2.79 15.32 -10.73
CA TYR B 60 -2.76 14.98 -12.14
C TYR B 60 -1.33 14.78 -12.61
N GLY B 61 -1.20 14.04 -13.72
CA GLY B 61 0.09 13.83 -14.35
C GLY B 61 0.43 14.93 -15.34
N ASP B 62 1.70 14.95 -15.75
CA ASP B 62 2.24 16.09 -16.49
C ASP B 62 1.65 16.20 -17.89
N SER B 63 1.37 15.07 -18.54
CA SER B 63 0.90 15.09 -19.91
C SER B 63 -0.62 15.15 -20.02
N VAL B 64 -1.34 14.97 -18.91
CA VAL B 64 -2.80 15.09 -18.92
C VAL B 64 -3.18 16.25 -18.03
N LYS B 65 -2.25 17.16 -17.79
CA LYS B 65 -2.48 18.34 -16.95
C LYS B 65 -3.27 19.35 -17.75
N GLY B 66 -4.60 19.24 -17.68
CA GLY B 66 -5.45 20.25 -18.29
C GLY B 66 -6.47 19.73 -19.29
N ARG B 67 -6.09 18.73 -20.08
CA ARG B 67 -7.02 18.16 -21.06
C ARG B 67 -7.83 17.00 -20.50
N PHE B 68 -7.48 16.52 -19.31
CA PHE B 68 -8.15 15.41 -18.68
C PHE B 68 -8.75 15.89 -17.36
N THR B 69 -9.95 15.40 -17.05
CA THR B 69 -10.60 15.71 -15.78
C THR B 69 -11.27 14.45 -15.23
N ILE B 70 -11.02 14.16 -13.96
CA ILE B 70 -11.59 13.01 -13.28
C ILE B 70 -12.74 13.50 -12.41
N SER B 71 -13.77 12.66 -12.25
CA SER B 71 -14.87 12.91 -11.33
C SER B 71 -15.54 11.59 -11.01
N ARG B 72 -15.78 11.32 -9.74
CA ARG B 72 -16.42 10.07 -9.34
C ARG B 72 -17.86 10.29 -8.92
N ASP B 73 -18.63 9.21 -8.95
CA ASP B 73 -20.06 9.20 -8.64
C ASP B 73 -20.28 8.13 -7.57
N ASN B 74 -20.46 8.56 -6.33
CA ASN B 74 -20.63 7.62 -5.22
C ASN B 74 -22.08 7.18 -5.04
N SER B 75 -23.02 7.79 -5.77
CA SER B 75 -24.42 7.39 -5.67
C SER B 75 -24.62 5.99 -6.23
N LYS B 76 -24.06 5.73 -7.41
CA LYS B 76 -24.15 4.41 -8.04
C LYS B 76 -22.82 3.69 -8.03
N SER B 77 -21.82 4.20 -7.30
CA SER B 77 -20.48 3.63 -7.15
C SER B 77 -19.79 3.46 -8.50
N THR B 78 -19.53 4.60 -9.15
CA THR B 78 -18.94 4.60 -10.48
C THR B 78 -17.96 5.75 -10.59
N LEU B 79 -16.82 5.49 -11.22
CA LEU B 79 -15.77 6.47 -11.45
C LEU B 79 -15.79 6.89 -12.92
N TYR B 80 -15.58 8.19 -13.17
CA TYR B 80 -15.64 8.71 -14.53
C TYR B 80 -14.40 9.55 -14.84
N LEU B 81 -13.82 9.33 -16.01
CA LEU B 81 -12.71 10.13 -16.50
C LEU B 81 -13.16 10.86 -17.75
N GLN B 82 -13.16 12.19 -17.70
CA GLN B 82 -13.63 13.05 -18.77
C GLN B 82 -12.41 13.59 -19.52
N MET B 83 -12.36 13.34 -20.83
CA MET B 83 -11.22 13.76 -21.64
C MET B 83 -11.70 14.55 -22.85
N ASN B 84 -10.98 15.62 -23.16
CA ASN B 84 -11.26 16.41 -24.34
C ASN B 84 -9.95 16.93 -24.90
N SER B 85 -10.00 17.27 -26.20
CA SER B 85 -8.83 17.66 -27.00
C SER B 85 -7.75 16.59 -26.95
N LEU B 86 -8.10 15.42 -27.47
CA LEU B 86 -7.18 14.29 -27.58
C LEU B 86 -6.06 14.61 -28.56
N ARG B 87 -4.97 13.87 -28.47
CA ARG B 87 -3.79 14.16 -29.27
C ARG B 87 -3.32 12.88 -29.93
N ALA B 88 -2.19 12.98 -30.62
CA ALA B 88 -1.63 11.83 -31.34
C ALA B 88 -0.88 10.87 -30.43
N GLU B 89 -0.58 11.27 -29.20
CA GLU B 89 0.12 10.41 -28.26
C GLU B 89 -0.83 9.65 -27.34
N ASP B 90 -2.04 10.18 -27.12
CA ASP B 90 -2.96 9.63 -26.14
C ASP B 90 -3.66 8.38 -26.61
N THR B 91 -3.28 7.80 -27.75
CA THR B 91 -3.84 6.53 -28.17
C THR B 91 -3.34 5.45 -27.24
N ALA B 92 -4.20 4.96 -26.35
CA ALA B 92 -3.72 4.13 -25.25
C ALA B 92 -4.87 3.29 -24.72
N VAL B 93 -4.53 2.36 -23.83
CA VAL B 93 -5.50 1.54 -23.10
C VAL B 93 -5.50 1.98 -21.65
N TYR B 94 -6.68 2.15 -21.07
CA TYR B 94 -6.85 2.88 -19.83
C TYR B 94 -7.38 1.98 -18.73
N TYR B 95 -6.68 1.98 -17.59
CA TYR B 95 -7.04 1.17 -16.42
C TYR B 95 -7.45 2.08 -15.29
N CYS B 96 -8.58 1.77 -14.66
CA CYS B 96 -8.91 2.34 -13.36
C CYS B 96 -8.45 1.36 -12.29
N ALA B 97 -7.82 1.88 -11.24
CA ALA B 97 -7.15 1.04 -10.25
C ALA B 97 -7.58 1.47 -8.87
N ARG B 98 -7.90 0.49 -8.02
CA ARG B 98 -8.30 0.77 -6.65
C ARG B 98 -7.11 1.30 -5.88
N GLY B 99 -7.26 2.45 -5.25
CA GLY B 99 -6.19 2.98 -4.44
C GLY B 99 -6.13 2.34 -3.08
N VAL B 100 -5.83 3.13 -2.10
CA VAL B 100 -5.74 2.67 -0.73
C VAL B 100 -6.87 3.31 0.07
N GLN B 101 -7.38 2.59 1.07
CA GLN B 101 -8.41 3.16 1.95
C GLN B 101 -7.83 4.18 2.93
N GLY B 102 -6.53 4.44 2.86
CA GLY B 102 -5.91 5.38 3.76
C GLY B 102 -6.43 6.79 3.54
N TYR B 103 -6.93 7.37 4.63
CA TYR B 103 -7.26 8.78 4.68
C TYR B 103 -6.66 9.27 5.99
N TYR B 104 -5.40 8.92 6.18
CA TYR B 104 -4.69 9.17 7.42
C TYR B 104 -4.46 10.67 7.64
N ASP B 105 -4.24 11.03 8.90
CA ASP B 105 -4.04 12.42 9.26
C ASP B 105 -3.42 12.52 10.66
N ARG B 106 -2.45 13.41 10.78
CA ARG B 106 -1.92 13.81 12.07
C ARG B 106 -1.95 15.34 12.12
N SER B 107 -2.30 15.87 13.30
CA SER B 107 -2.62 17.29 13.51
C SER B 107 -3.72 17.76 12.57
N GLY B 108 -4.79 16.96 12.46
CA GLY B 108 -6.03 17.42 11.88
C GLY B 108 -6.16 17.33 10.38
N TYR B 109 -5.10 17.61 9.64
CA TYR B 109 -5.19 17.81 8.19
C TYR B 109 -5.36 16.46 7.50
N TYR B 110 -6.59 16.18 7.05
CA TYR B 110 -6.86 14.98 6.27
C TYR B 110 -6.11 15.03 4.95
N ASN B 111 -5.40 13.96 4.63
CA ASN B 111 -4.68 13.91 3.37
C ASN B 111 -4.53 12.48 2.91
N LEU B 112 -4.38 12.31 1.60
CA LEU B 112 -4.31 11.01 0.97
C LEU B 112 -3.03 10.28 1.38
N ASP B 113 -3.01 8.97 1.20
CA ASP B 113 -1.87 8.14 1.55
C ASP B 113 -0.97 7.98 0.33
N TYR B 114 0.32 8.26 0.50
CA TYR B 114 1.27 8.32 -0.61
C TYR B 114 2.33 7.22 -0.53
N ASN B 115 2.03 6.10 0.10
CA ASN B 115 2.98 5.01 0.20
C ASN B 115 2.44 3.68 -0.31
N TYR B 116 1.18 3.61 -0.68
CA TYR B 116 0.59 2.35 -1.11
C TYR B 116 0.36 2.35 -2.62
N GLY B 117 0.42 1.15 -3.19
CA GLY B 117 0.23 0.96 -4.62
C GLY B 117 -1.22 0.92 -5.01
N MET B 118 -1.50 0.20 -6.09
CA MET B 118 -2.83 0.10 -6.68
C MET B 118 -3.24 -1.36 -6.70
N ASP B 119 -4.06 -1.77 -5.73
CA ASP B 119 -4.30 -3.17 -5.41
C ASP B 119 -4.94 -3.99 -6.52
N VAL B 120 -6.19 -3.71 -6.87
CA VAL B 120 -6.93 -4.53 -7.83
C VAL B 120 -7.22 -3.71 -9.07
N TRP B 121 -7.01 -4.33 -10.24
CA TRP B 121 -7.08 -3.64 -11.52
C TRP B 121 -8.14 -4.30 -12.39
N GLY B 122 -8.91 -3.46 -13.10
CA GLY B 122 -9.89 -3.97 -14.02
C GLY B 122 -9.28 -4.26 -15.37
N GLN B 123 -10.09 -4.85 -16.26
CA GLN B 123 -9.60 -5.14 -17.60
C GLN B 123 -9.45 -3.87 -18.43
N GLY B 124 -10.20 -2.84 -18.11
CA GLY B 124 -9.99 -1.53 -18.69
C GLY B 124 -10.60 -1.37 -20.07
N THR B 125 -10.51 -0.14 -20.57
CA THR B 125 -10.98 0.21 -21.89
C THR B 125 -9.82 0.68 -22.75
N THR B 126 -9.98 0.57 -24.06
CA THR B 126 -9.04 1.10 -25.02
C THR B 126 -9.66 2.26 -25.79
N VAL B 127 -8.84 3.24 -26.13
CA VAL B 127 -9.27 4.35 -26.97
C VAL B 127 -8.34 4.40 -28.18
N THR B 128 -8.90 4.81 -29.32
CA THR B 128 -8.16 4.93 -30.58
C THR B 128 -8.51 6.28 -31.18
N VAL B 129 -7.53 7.17 -31.29
CA VAL B 129 -7.74 8.51 -31.83
C VAL B 129 -6.75 8.74 -32.98
N SER B 130 -7.27 9.22 -34.10
CA SER B 130 -6.49 9.50 -35.31
C SER B 130 -7.33 10.37 -36.23
N SER B 131 -6.68 11.31 -36.91
CA SER B 131 -7.36 12.19 -37.85
C SER B 131 -7.77 11.42 -39.10
N CYS C 4 -3.99 10.12 32.83
CA CYS C 4 -4.20 8.90 33.62
C CYS C 4 -3.99 7.54 32.88
N PRO C 5 -4.80 7.20 31.84
CA PRO C 5 -4.90 5.78 31.46
C PRO C 5 -3.68 5.15 30.78
N PHE C 6 -3.15 5.74 29.70
CA PHE C 6 -2.13 5.07 28.90
C PHE C 6 -0.79 5.79 28.93
N GLY C 7 -0.35 6.20 30.11
CA GLY C 7 1.07 6.49 30.22
C GLY C 7 1.93 5.26 30.25
N GLU C 8 1.35 4.09 30.49
CA GLU C 8 2.08 2.84 30.62
C GLU C 8 2.32 2.16 29.27
N VAL C 9 1.29 2.09 28.42
CA VAL C 9 1.34 1.19 27.27
C VAL C 9 2.25 1.74 26.18
N PHE C 10 2.54 3.04 26.20
CA PHE C 10 3.52 3.54 25.25
C PHE C 10 4.93 3.48 25.80
N ASN C 11 5.06 3.36 27.12
CA ASN C 11 6.37 3.26 27.77
C ASN C 11 6.53 1.96 28.54
N ALA C 12 5.87 0.89 28.13
CA ALA C 12 6.08 -0.41 28.74
C ALA C 12 7.45 -0.96 28.36
N THR C 13 7.98 -1.83 29.20
CA THR C 13 9.33 -2.32 28.99
C THR C 13 9.39 -3.63 28.22
N ARG C 14 8.24 -4.22 27.88
CA ARG C 14 8.25 -5.52 27.19
C ARG C 14 6.95 -5.67 26.43
N PHE C 15 6.99 -5.52 25.11
CA PHE C 15 5.82 -5.74 24.28
C PHE C 15 5.74 -7.20 23.85
N ALA C 16 4.56 -7.78 23.99
CA ALA C 16 4.33 -9.14 23.53
C ALA C 16 4.34 -9.18 22.01
N SER C 17 4.57 -10.38 21.47
CA SER C 17 4.77 -10.54 20.04
C SER C 17 3.45 -10.44 19.31
N VAL C 18 3.54 -10.40 17.98
CA VAL C 18 2.33 -10.20 17.17
C VAL C 18 1.51 -11.48 17.10
N TYR C 19 2.10 -12.64 17.42
CA TYR C 19 1.32 -13.87 17.34
C TYR C 19 0.34 -13.98 18.50
N ALA C 20 0.68 -13.39 19.65
CA ALA C 20 -0.26 -13.26 20.77
C ALA C 20 -0.11 -11.85 21.32
N TRP C 21 -0.85 -10.91 20.76
CA TRP C 21 -0.79 -9.55 21.25
C TRP C 21 -1.69 -9.39 22.47
N ASN C 22 -1.55 -8.26 23.15
CA ASN C 22 -2.20 -8.05 24.45
C ASN C 22 -3.04 -6.77 24.45
N ARG C 23 -4.33 -6.94 24.19
CA ARG C 23 -5.25 -5.82 24.18
C ARG C 23 -5.56 -5.39 25.60
N LYS C 24 -5.59 -4.07 25.81
CA LYS C 24 -5.87 -3.49 27.12
C LYS C 24 -6.99 -2.47 26.98
N ARG C 25 -8.12 -2.72 27.64
CA ARG C 25 -9.23 -1.79 27.60
C ARG C 25 -9.15 -0.85 28.79
N ILE C 26 -9.62 0.38 28.59
CA ILE C 26 -9.61 1.42 29.61
C ILE C 26 -11.00 2.04 29.68
N SER C 27 -11.50 2.24 30.90
CA SER C 27 -12.86 2.69 31.09
C SER C 27 -12.92 3.63 32.27
N ASN C 28 -13.88 4.57 32.19
CA ASN C 28 -14.21 5.63 33.18
C ASN C 28 -12.98 6.39 33.73
N CYS C 29 -11.94 6.52 32.93
CA CYS C 29 -10.83 7.40 33.25
C CYS C 29 -10.93 8.68 32.43
N VAL C 30 -10.00 9.58 32.67
CA VAL C 30 -9.90 10.79 31.85
C VAL C 30 -9.17 10.44 30.56
N ALA C 31 -9.58 11.04 29.47
CA ALA C 31 -8.96 10.81 28.16
C ALA C 31 -8.10 12.01 27.85
N ASP C 32 -6.78 11.83 27.90
CA ASP C 32 -5.88 12.94 27.63
C ASP C 32 -5.87 13.27 26.15
N TYR C 33 -5.43 12.31 25.32
CA TYR C 33 -5.38 12.39 23.85
C TYR C 33 -4.57 13.59 23.36
N SER C 34 -3.59 14.02 24.13
CA SER C 34 -2.71 15.11 23.71
C SER C 34 -1.24 14.85 23.96
N VAL C 35 -0.89 13.96 24.89
CA VAL C 35 0.50 13.60 25.05
C VAL C 35 0.92 12.62 23.95
N LEU C 36 -0.05 11.89 23.38
CA LEU C 36 0.28 10.92 22.33
C LEU C 36 0.57 11.61 21.00
N TYR C 37 -0.18 12.66 20.66
CA TYR C 37 0.16 13.41 19.47
C TYR C 37 1.04 14.58 19.88
N ASN C 38 1.45 15.39 18.90
CA ASN C 38 2.51 16.43 18.98
C ASN C 38 3.77 15.92 19.67
N SER C 39 4.14 14.68 19.40
CA SER C 39 5.43 14.11 19.78
C SER C 39 6.13 13.65 18.51
N ALA C 40 7.39 14.06 18.34
CA ALA C 40 8.11 13.80 17.10
C ALA C 40 8.78 12.43 17.07
N SER C 41 8.65 11.63 18.12
CA SER C 41 9.31 10.32 18.15
C SER C 41 8.54 9.25 17.40
N PHE C 42 7.33 9.56 16.92
CA PHE C 42 6.51 8.58 16.24
C PHE C 42 6.75 8.62 14.74
N SER C 43 6.93 7.45 14.14
CA SER C 43 7.18 7.38 12.71
C SER C 43 5.88 7.51 11.91
N THR C 44 4.97 6.55 12.06
CA THR C 44 3.67 6.62 11.43
C THR C 44 2.64 7.02 12.46
N PHE C 45 1.79 7.97 12.11
CA PHE C 45 0.66 8.36 12.95
C PHE C 45 -0.61 8.34 12.12
N LYS C 46 -0.85 7.22 11.46
CA LYS C 46 -2.05 7.11 10.65
C LYS C 46 -3.26 6.92 11.55
N CYS C 47 -4.24 7.81 11.40
CA CYS C 47 -5.54 7.72 12.06
C CYS C 47 -6.60 7.67 10.98
N TYR C 48 -7.55 6.75 11.09
CA TYR C 48 -8.34 6.40 9.93
C TYR C 48 -9.76 6.95 9.96
N GLY C 49 -10.54 6.63 10.99
CA GLY C 49 -11.89 7.15 11.03
C GLY C 49 -11.96 8.61 11.43
N VAL C 50 -11.60 8.89 12.67
CA VAL C 50 -11.77 10.21 13.28
C VAL C 50 -10.40 10.86 13.41
N SER C 51 -10.40 12.14 13.49
CA SER C 51 -9.12 12.83 13.45
C SER C 51 -8.69 13.26 14.85
N PRO C 52 -7.38 13.28 15.12
CA PRO C 52 -6.88 13.99 16.29
C PRO C 52 -7.01 15.49 16.08
N THR C 53 -6.89 16.23 17.20
CA THR C 53 -7.23 17.64 17.45
C THR C 53 -8.73 17.90 17.36
N LYS C 54 -9.52 16.86 17.10
CA LYS C 54 -10.96 16.86 17.33
C LYS C 54 -11.33 15.62 18.11
N LEU C 55 -10.35 14.97 18.73
CA LEU C 55 -10.55 13.78 19.54
C LEU C 55 -10.61 14.15 21.02
N ASN C 56 -11.67 14.87 21.39
CA ASN C 56 -11.93 15.17 22.79
C ASN C 56 -13.42 15.08 23.12
N ASP C 57 -14.19 14.37 22.31
CA ASP C 57 -15.58 14.07 22.63
C ASP C 57 -15.58 12.80 23.46
N LEU C 58 -15.55 12.94 24.78
CA LEU C 58 -15.50 11.78 25.67
C LEU C 58 -16.87 11.10 25.73
N CYS C 59 -17.26 10.46 24.63
CA CYS C 59 -18.35 9.52 24.60
C CYS C 59 -17.85 8.10 24.44
N PHE C 60 -16.57 7.93 24.15
CA PHE C 60 -16.00 6.60 23.98
C PHE C 60 -15.90 5.88 25.30
N THR C 61 -16.58 4.74 25.38
CA THR C 61 -16.48 3.84 26.51
C THR C 61 -15.75 2.59 26.06
N ASN C 62 -14.86 2.08 26.95
CA ASN C 62 -13.99 0.94 26.69
C ASN C 62 -13.11 1.18 25.46
N VAL C 63 -12.23 2.18 25.56
CA VAL C 63 -11.24 2.41 24.52
C VAL C 63 -10.19 1.30 24.58
N TYR C 64 -9.92 0.68 23.44
CA TYR C 64 -8.96 -0.40 23.37
C TYR C 64 -7.58 0.13 23.00
N ALA C 65 -6.57 -0.71 23.22
CA ALA C 65 -5.20 -0.39 22.83
C ALA C 65 -4.46 -1.70 22.62
N ASP C 66 -4.31 -2.11 21.37
CA ASP C 66 -3.55 -3.31 21.01
C ASP C 66 -2.11 -2.90 20.74
N SER C 67 -1.16 -3.62 21.33
CA SER C 67 0.25 -3.29 21.16
C SER C 67 1.05 -4.55 20.90
N PHE C 68 2.01 -4.45 20.00
CA PHE C 68 2.88 -5.57 19.62
C PHE C 68 4.11 -5.00 18.94
N VAL C 69 4.90 -5.89 18.34
CA VAL C 69 6.12 -5.50 17.64
C VAL C 69 6.22 -6.26 16.33
N ILE C 70 6.38 -5.53 15.22
CA ILE C 70 6.54 -6.10 13.90
C ILE C 70 7.86 -5.55 13.37
N ARG C 71 8.41 -6.21 12.35
CA ARG C 71 9.57 -5.68 11.65
C ARG C 71 9.17 -4.45 10.85
N GLY C 72 10.18 -3.73 10.36
CA GLY C 72 10.06 -2.36 9.87
C GLY C 72 9.08 -2.09 8.76
N ASP C 73 9.29 -2.66 7.57
CA ASP C 73 8.37 -2.41 6.47
C ASP C 73 7.22 -3.41 6.41
N GLU C 74 6.84 -3.99 7.56
CA GLU C 74 5.56 -4.66 7.68
C GLU C 74 4.56 -3.87 8.49
N VAL C 75 4.88 -2.63 8.88
CA VAL C 75 3.85 -1.76 9.44
C VAL C 75 2.96 -1.16 8.37
N ARG C 76 3.26 -1.42 7.11
CA ARG C 76 2.37 -1.12 6.00
C ARG C 76 1.32 -2.20 5.79
N GLN C 77 1.18 -3.14 6.72
CA GLN C 77 0.08 -4.10 6.68
C GLN C 77 -1.02 -3.79 7.69
N ILE C 78 -0.80 -2.82 8.58
CA ILE C 78 -1.82 -2.50 9.59
C ILE C 78 -2.70 -1.34 9.12
N ALA C 79 -2.79 -1.11 7.82
CA ALA C 79 -3.85 -0.29 7.29
C ALA C 79 -5.08 -1.17 7.05
N PRO C 80 -6.26 -0.57 6.84
CA PRO C 80 -7.41 -1.38 6.40
C PRO C 80 -7.18 -1.98 5.02
N GLY C 81 -7.79 -3.13 4.79
CA GLY C 81 -7.45 -3.91 3.61
C GLY C 81 -6.10 -4.56 3.84
N GLN C 82 -5.21 -4.42 2.85
CA GLN C 82 -3.77 -4.67 2.99
C GLN C 82 -3.46 -6.11 3.43
N THR C 83 -3.73 -7.04 2.52
CA THR C 83 -3.44 -8.44 2.76
C THR C 83 -1.93 -8.66 2.77
N GLY C 84 -1.47 -9.61 3.58
CA GLY C 84 -0.05 -9.93 3.69
C GLY C 84 0.16 -11.22 4.46
N LYS C 85 1.13 -11.25 5.37
CA LYS C 85 1.24 -12.33 6.35
C LYS C 85 1.16 -11.80 7.77
N ILE C 86 0.85 -10.51 7.94
CA ILE C 86 0.54 -9.96 9.25
C ILE C 86 -0.92 -9.58 9.38
N ALA C 87 -1.55 -9.01 8.36
CA ALA C 87 -2.97 -8.77 8.38
C ALA C 87 -3.75 -9.94 7.79
N ASP C 88 -3.14 -11.10 7.68
CA ASP C 88 -3.85 -12.28 7.20
C ASP C 88 -3.85 -13.41 8.20
N TYR C 89 -2.75 -13.61 8.93
CA TYR C 89 -2.61 -14.73 9.84
C TYR C 89 -2.39 -14.34 11.28
N ASN C 90 -1.92 -13.13 11.57
CA ASN C 90 -1.59 -12.74 12.94
C ASN C 90 -2.57 -11.73 13.51
N TYR C 91 -2.75 -10.59 12.85
CA TYR C 91 -3.54 -9.51 13.43
C TYR C 91 -4.18 -8.72 12.31
N LYS C 92 -5.50 -8.81 12.17
CA LYS C 92 -6.21 -8.20 11.06
C LYS C 92 -7.19 -7.16 11.58
N LEU C 93 -7.12 -5.89 11.00
CA LEU C 93 -8.04 -4.78 11.27
C LEU C 93 -9.27 -4.86 10.39
N PRO C 94 -10.42 -4.43 10.89
CA PRO C 94 -11.63 -4.41 10.06
C PRO C 94 -11.55 -3.35 8.98
N ASP C 95 -12.45 -3.46 8.01
CA ASP C 95 -12.39 -2.59 6.84
C ASP C 95 -12.92 -1.20 7.17
N ASP C 96 -13.93 -1.10 8.02
CA ASP C 96 -14.44 0.19 8.49
C ASP C 96 -13.83 0.53 9.85
N PHE C 97 -12.52 0.69 9.84
CA PHE C 97 -11.73 0.88 11.05
C PHE C 97 -11.64 2.35 11.38
N THR C 98 -12.00 2.70 12.62
CA THR C 98 -11.87 4.07 13.13
C THR C 98 -10.94 4.02 14.34
N GLY C 99 -9.65 4.18 14.12
CA GLY C 99 -8.67 4.12 15.18
C GLY C 99 -7.48 4.96 14.84
N CYS C 100 -6.34 4.63 15.45
CA CYS C 100 -5.11 5.40 15.24
C CYS C 100 -3.93 4.47 15.40
N VAL C 101 -3.42 3.90 14.32
CA VAL C 101 -2.28 3.00 14.39
C VAL C 101 -1.01 3.84 14.52
N ILE C 102 -0.26 3.61 15.59
CA ILE C 102 0.92 4.40 15.94
C ILE C 102 2.13 3.49 15.98
N ALA C 103 3.21 3.88 15.32
CA ALA C 103 4.40 3.03 15.23
C ALA C 103 5.65 3.87 15.41
N TRP C 104 6.53 3.44 16.31
CA TRP C 104 7.78 4.16 16.56
C TRP C 104 8.94 3.19 16.48
N ASN C 105 10.13 3.75 16.28
CA ASN C 105 11.31 2.92 16.06
C ASN C 105 11.84 2.40 17.38
N SER C 106 12.59 1.30 17.29
CA SER C 106 13.22 0.67 18.45
C SER C 106 14.67 0.36 18.12
N ASN C 107 15.54 1.35 18.31
CA ASN C 107 16.97 1.14 18.07
C ASN C 107 17.59 0.36 19.22
N ASN C 108 17.59 0.95 20.40
CA ASN C 108 18.38 0.44 21.52
C ASN C 108 17.59 -0.43 22.48
N LEU C 109 16.35 -0.78 22.14
CA LEU C 109 15.50 -1.49 23.08
C LEU C 109 15.32 -2.96 22.76
N ASP C 110 15.04 -3.32 21.51
CA ASP C 110 14.76 -4.71 21.16
C ASP C 110 15.85 -5.41 20.38
N SER C 111 16.81 -4.67 19.83
CA SER C 111 17.85 -5.25 18.98
C SER C 111 19.12 -5.41 19.80
N LYS C 112 19.39 -6.63 20.25
CA LYS C 112 20.63 -6.90 20.93
C LYS C 112 21.76 -7.07 19.92
N VAL C 113 23.00 -7.05 20.44
CA VAL C 113 24.15 -7.27 19.57
C VAL C 113 24.20 -8.72 19.09
N GLY C 114 23.69 -9.66 19.89
CA GLY C 114 23.52 -11.01 19.42
C GLY C 114 22.31 -11.19 18.53
N GLY C 115 21.33 -10.29 18.63
CA GLY C 115 20.13 -10.43 17.85
C GLY C 115 19.17 -11.46 18.42
N ASN C 116 18.58 -11.14 19.57
CA ASN C 116 17.77 -12.11 20.30
C ASN C 116 16.52 -12.54 19.53
N TYR C 117 16.14 -13.80 19.73
CA TYR C 117 15.07 -14.45 18.98
C TYR C 117 13.83 -14.62 19.84
N ASN C 118 13.53 -13.63 20.68
CA ASN C 118 12.40 -13.70 21.58
C ASN C 118 11.07 -13.46 20.88
N TYR C 119 11.07 -12.72 19.77
CA TYR C 119 9.83 -12.37 19.10
C TYR C 119 9.41 -13.44 18.11
N ARG C 120 8.12 -13.47 17.82
CA ARG C 120 7.53 -14.56 17.03
C ARG C 120 6.39 -14.03 16.17
N TYR C 121 6.25 -14.59 14.96
CA TYR C 121 5.11 -14.27 14.11
C TYR C 121 4.66 -15.55 13.41
N ARG C 122 3.36 -15.73 13.27
CA ARG C 122 2.84 -16.98 12.76
C ARG C 122 2.87 -17.01 11.24
N LEU C 123 3.34 -18.12 10.67
CA LEU C 123 3.46 -18.28 9.23
C LEU C 123 2.39 -19.16 8.61
N PHE C 124 2.00 -20.26 9.25
CA PHE C 124 1.12 -21.24 8.64
C PHE C 124 -0.19 -21.28 9.41
N ARG C 125 -1.30 -20.99 8.73
CA ARG C 125 -2.60 -21.09 9.37
C ARG C 125 -3.66 -21.26 8.30
N LYS C 126 -4.47 -22.31 8.43
CA LYS C 126 -5.68 -22.40 7.65
C LYS C 126 -6.68 -21.37 8.13
N SER C 127 -7.62 -21.00 7.25
CA SER C 127 -8.80 -20.17 7.55
C SER C 127 -8.39 -18.83 8.16
N ASN C 128 -7.81 -17.99 7.30
CA ASN C 128 -7.27 -16.68 7.65
C ASN C 128 -8.26 -15.82 8.44
N LEU C 129 -7.72 -14.94 9.27
CA LEU C 129 -8.46 -14.41 10.40
C LEU C 129 -9.55 -13.43 10.00
N LYS C 130 -10.63 -13.46 10.77
CA LYS C 130 -11.61 -12.39 10.83
C LYS C 130 -10.99 -11.20 11.58
N PRO C 131 -11.58 -10.01 11.48
CA PRO C 131 -11.07 -8.86 12.23
C PRO C 131 -11.02 -9.07 13.74
N PHE C 132 -9.86 -8.73 14.32
CA PHE C 132 -9.56 -8.82 15.75
C PHE C 132 -9.68 -10.26 16.27
N GLU C 133 -8.88 -11.15 15.69
CA GLU C 133 -8.88 -12.57 16.04
C GLU C 133 -7.49 -12.95 16.53
N ARG C 134 -7.40 -13.34 17.80
CA ARG C 134 -6.17 -13.91 18.32
C ARG C 134 -6.19 -15.42 18.08
N ASP C 135 -5.01 -16.00 17.90
CA ASP C 135 -4.87 -17.45 17.92
C ASP C 135 -3.51 -17.79 18.50
N ILE C 136 -3.52 -18.26 19.75
CA ILE C 136 -2.31 -18.47 20.52
C ILE C 136 -1.85 -19.92 20.36
N SER C 137 -2.52 -20.66 19.49
CA SER C 137 -2.26 -22.08 19.31
C SER C 137 -0.90 -22.32 18.68
N THR C 138 -0.34 -23.51 18.96
CA THR C 138 0.98 -23.87 18.47
C THR C 138 0.95 -25.37 18.13
N GLU C 139 0.72 -25.69 16.86
CA GLU C 139 0.65 -27.07 16.44
C GLU C 139 1.01 -27.23 14.96
N PHE C 158 5.24 -26.54 12.74
CA PHE C 158 5.59 -25.49 13.68
C PHE C 158 5.33 -24.14 13.05
N PRO C 159 4.19 -23.51 13.39
CA PRO C 159 3.76 -22.33 12.64
C PRO C 159 4.50 -21.06 13.00
N LEU C 160 5.17 -21.00 14.13
CA LEU C 160 5.84 -19.75 14.50
C LEU C 160 7.28 -19.76 14.00
N GLN C 161 7.85 -18.55 13.91
CA GLN C 161 9.26 -18.41 13.57
C GLN C 161 9.76 -17.07 14.13
N SER C 162 11.02 -17.05 14.53
CA SER C 162 11.61 -15.87 15.14
C SER C 162 12.01 -14.85 14.08
N TYR C 163 12.60 -13.73 14.52
CA TYR C 163 13.05 -12.72 13.58
C TYR C 163 14.56 -12.68 13.45
N GLY C 164 15.28 -12.41 14.54
CA GLY C 164 16.68 -12.09 14.44
C GLY C 164 16.84 -10.60 14.20
N PHE C 165 17.49 -9.90 15.11
CA PHE C 165 17.46 -8.43 15.14
C PHE C 165 18.85 -7.87 15.35
N GLN C 166 19.80 -8.27 14.51
CA GLN C 166 21.13 -7.67 14.51
C GLN C 166 21.04 -6.16 14.29
N PRO C 167 21.81 -5.34 15.03
CA PRO C 167 21.68 -3.89 14.92
C PRO C 167 22.26 -3.30 13.64
N THR C 168 22.95 -4.09 12.82
CA THR C 168 23.35 -3.67 11.49
C THR C 168 22.49 -4.32 10.42
N ASN C 169 21.20 -4.49 10.71
CA ASN C 169 20.24 -4.88 9.69
C ASN C 169 19.87 -3.67 8.84
N GLY C 170 19.00 -3.92 7.87
CA GLY C 170 18.40 -2.81 7.14
C GLY C 170 17.45 -2.03 8.02
N VAL C 171 17.13 -0.80 7.58
CA VAL C 171 16.14 0.00 8.28
C VAL C 171 14.76 -0.62 8.12
N GLY C 172 14.53 -1.37 7.05
CA GLY C 172 13.27 -2.07 6.90
C GLY C 172 13.19 -3.36 7.68
N TYR C 173 14.32 -3.96 8.04
CA TYR C 173 14.33 -5.14 8.89
C TYR C 173 14.72 -4.78 10.33
N GLN C 174 13.93 -3.93 10.98
CA GLN C 174 14.30 -3.48 12.33
C GLN C 174 12.98 -3.24 13.06
N PRO C 175 12.85 -3.67 14.32
CA PRO C 175 11.53 -3.76 14.95
C PRO C 175 10.90 -2.42 15.25
N TYR C 176 9.62 -2.29 14.92
CA TYR C 176 8.83 -1.09 15.13
C TYR C 176 7.73 -1.43 16.12
N ARG C 177 7.84 -0.92 17.34
CA ARG C 177 6.88 -1.23 18.39
C ARG C 177 5.57 -0.51 18.10
N VAL C 178 4.75 -1.13 17.26
CA VAL C 178 3.53 -0.49 16.78
C VAL C 178 2.35 -0.81 17.69
N VAL C 179 1.58 0.22 18.03
CA VAL C 179 0.45 0.11 18.95
C VAL C 179 -0.78 0.73 18.29
N VAL C 180 -1.93 0.07 18.40
CA VAL C 180 -3.15 0.45 17.72
C VAL C 180 -4.19 0.82 18.75
N LEU C 181 -4.72 2.04 18.66
CA LEU C 181 -5.87 2.46 19.46
C LEU C 181 -7.16 2.15 18.70
N SER C 182 -8.21 1.85 19.44
CA SER C 182 -9.49 1.50 18.85
C SER C 182 -10.61 1.99 19.73
N PHE C 183 -11.61 2.62 19.13
CA PHE C 183 -12.68 3.27 19.86
C PHE C 183 -14.01 2.58 19.59
N GLU C 184 -14.92 2.70 20.56
CA GLU C 184 -16.31 2.30 20.33
C GLU C 184 -17.20 3.16 21.23
N LEU C 185 -18.51 2.97 21.08
CA LEU C 185 -19.49 3.70 21.88
C LEU C 185 -20.30 2.72 22.72
N LEU C 186 -21.35 3.23 23.37
CA LEU C 186 -22.22 2.39 24.18
C LEU C 186 -23.05 1.42 23.33
C1 NAG D . 6.60 8.23 28.04
C2 NAG D . 6.52 9.28 29.15
C3 NAG D . 6.55 10.69 28.55
C4 NAG D . 7.79 10.86 27.66
C5 NAG D . 7.81 9.76 26.60
C6 NAG D . 9.06 9.79 25.76
C7 NAG D . 5.30 9.11 31.30
C8 NAG D . 6.62 9.30 31.99
N2 NAG D . 5.32 9.10 29.96
O3 NAG D . 6.59 11.65 29.61
O4 NAG D . 7.74 12.13 27.02
O5 NAG D . 7.79 8.47 27.24
O6 NAG D . 9.60 11.12 25.67
O7 NAG D . 4.25 8.96 31.93
#